data_5NYA
#
_entry.id   5NYA
#
_cell.length_a   42.227
_cell.length_b   41.209
_cell.length_c   72.152
_cell.angle_alpha   90.000
_cell.angle_beta   104.290
_cell.angle_gamma   90.000
#
_symmetry.space_group_name_H-M   'P 1 21 1'
#
loop_
_entity.id
_entity.type
_entity.pdbx_description
1 polymer 'Carbonic anhydrase 2'
2 non-polymer 'ZINC ION'
3 non-polymer benzenesulfonamide
4 non-polymer 'GLUTARIC ACID'
5 water water
#
_entity_poly.entity_id   1
_entity_poly.type   'polypeptide(L)'
_entity_poly.pdbx_seq_one_letter_code
;HWGYGKHNGPEHWHKDFPIAKGERQSPVDIDTHTAKYDPSLKPLSVSYDQATSLRILNNGHAFNVEFDDSQDKAVLKGGP
LDGTYRLIQFHFHWGSLDGQGSEHTVDKKKYAAELHLVHWNTKYGDFGKAVQQPDGLAVLGIFLKVGSAKPGLQKVVDVL
DSIKTKGKSADFTNFDPRGLLPESLDYWTYPGSLTTPPLLECVTWIVLKEPISVSSEQVLKFRKLNFNGEGEPEELMVDN
WRPAQPLKNRQIKASFK
;
_entity_poly.pdbx_strand_id   A
#
# COMPACT_ATOMS: atom_id res chain seq x y z
N HIS A 1 -2.72 -19.25 11.44
CA HIS A 1 -3.17 -17.98 10.77
C HIS A 1 -2.26 -17.67 9.60
N TRP A 2 -2.74 -16.88 8.69
CA TRP A 2 -1.99 -16.56 7.47
C TRP A 2 -0.81 -15.70 7.79
N GLY A 3 0.18 -15.75 6.92
CA GLY A 3 1.35 -14.88 7.05
C GLY A 3 2.16 -14.92 5.78
N TYR A 4 3.47 -14.83 5.95
N TYR A 4 3.48 -14.88 5.90
CA TYR A 4 4.43 -14.85 4.84
CA TYR A 4 4.34 -14.84 4.72
C TYR A 4 5.57 -15.86 5.06
C TYR A 4 5.32 -16.01 4.66
N GLY A 5 5.22 -17.06 5.51
N GLY A 5 5.34 -16.80 5.74
CA GLY A 5 6.16 -18.19 5.56
CA GLY A 5 6.42 -17.76 6.00
C GLY A 5 5.86 -19.28 4.55
C GLY A 5 6.56 -19.17 5.45
N LYS A 6 6.73 -20.32 4.55
N LYS A 6 5.99 -19.53 4.31
CA LYS A 6 6.56 -21.52 3.74
CA LYS A 6 6.30 -20.89 3.76
C LYS A 6 5.22 -22.16 4.03
C LYS A 6 5.25 -21.98 4.04
N HIS A 7 4.82 -22.11 5.29
CA HIS A 7 3.70 -22.90 5.75
CA HIS A 7 3.65 -22.93 5.52
C HIS A 7 2.39 -22.13 5.69
N ASN A 8 2.47 -20.79 5.66
CA ASN A 8 1.26 -19.98 5.76
C ASN A 8 1.26 -18.77 4.83
N GLY A 9 2.15 -18.79 3.83
CA GLY A 9 2.32 -17.64 2.94
C GLY A 9 1.30 -17.61 1.82
N PRO A 10 1.51 -16.69 0.87
CA PRO A 10 0.56 -16.43 -0.19
C PRO A 10 0.03 -17.63 -0.93
N GLU A 11 0.83 -18.66 -1.14
CA GLU A 11 0.35 -19.85 -1.88
CA GLU A 11 0.38 -19.85 -1.87
C GLU A 11 -0.64 -20.70 -1.08
N HIS A 12 -0.76 -20.43 0.24
CA HIS A 12 -1.71 -21.12 1.12
C HIS A 12 -3.02 -20.34 1.33
N TRP A 13 -3.02 -19.02 1.05
CA TRP A 13 -4.13 -18.20 1.47
C TRP A 13 -5.48 -18.63 0.92
N HIS A 14 -5.47 -19.21 -0.26
CA HIS A 14 -6.72 -19.61 -0.91
C HIS A 14 -7.54 -20.60 -0.10
N LYS A 15 -6.90 -21.35 0.78
CA LYS A 15 -7.64 -22.35 1.59
C LYS A 15 -8.60 -21.71 2.58
N ASP A 16 -8.20 -20.59 3.18
CA ASP A 16 -9.10 -19.87 4.08
C ASP A 16 -9.82 -18.72 3.40
N PHE A 17 -9.30 -18.28 2.25
CA PHE A 17 -9.82 -17.12 1.53
C PHE A 17 -9.90 -17.47 0.05
N PRO A 18 -10.94 -18.22 -0.37
CA PRO A 18 -10.97 -18.70 -1.74
C PRO A 18 -10.97 -17.63 -2.83
N ILE A 19 -11.35 -16.40 -2.47
CA ILE A 19 -11.26 -15.28 -3.42
C ILE A 19 -9.81 -15.01 -3.86
N ALA A 20 -8.82 -15.61 -3.17
CA ALA A 20 -7.44 -15.53 -3.59
C ALA A 20 -7.25 -15.90 -5.05
N LYS A 21 -8.11 -16.80 -5.58
CA LYS A 21 -8.06 -17.25 -6.97
C LYS A 21 -9.11 -16.54 -7.84
N GLY A 22 -9.54 -15.35 -7.40
CA GLY A 22 -10.61 -14.60 -8.04
C GLY A 22 -10.20 -13.89 -9.33
N GLU A 23 -11.16 -13.13 -9.83
CA GLU A 23 -11.04 -12.50 -11.15
C GLU A 23 -10.40 -11.12 -11.10
N ARG A 24 -10.25 -10.53 -9.90
CA ARG A 24 -9.68 -9.18 -9.81
C ARG A 24 -8.73 -9.07 -8.61
N GLN A 25 -7.76 -9.99 -8.57
CA GLN A 25 -6.77 -10.01 -7.48
C GLN A 25 -5.58 -9.09 -7.76
N SER A 26 -5.01 -8.63 -6.65
CA SER A 26 -3.86 -7.76 -6.65
C SER A 26 -2.75 -8.36 -5.81
N PRO A 27 -1.49 -7.98 -6.02
CA PRO A 27 -1.03 -7.05 -7.07
C PRO A 27 -0.93 -7.75 -8.42
N VAL A 28 -0.48 -6.98 -9.42
CA VAL A 28 -0.26 -7.45 -10.76
C VAL A 28 1.04 -6.87 -11.27
N ASP A 29 1.58 -7.50 -12.32
CA ASP A 29 2.63 -6.90 -13.11
C ASP A 29 2.02 -5.87 -14.06
N ILE A 30 2.64 -4.69 -14.08
CA ILE A 30 2.25 -3.61 -14.98
C ILE A 30 3.15 -3.70 -16.19
N ASP A 31 2.57 -4.16 -17.30
CA ASP A 31 3.26 -4.22 -18.59
CA ASP A 31 3.28 -4.23 -18.56
C ASP A 31 3.12 -2.85 -19.19
N THR A 32 4.19 -2.09 -19.18
CA THR A 32 4.10 -0.68 -19.57
C THR A 32 3.78 -0.45 -21.03
N HIS A 33 4.17 -1.37 -21.88
N HIS A 33 4.13 -1.42 -21.88
CA HIS A 33 3.85 -1.24 -23.29
CA HIS A 33 3.84 -1.38 -23.32
C HIS A 33 2.39 -1.57 -23.58
C HIS A 33 2.42 -1.80 -23.71
N THR A 34 1.72 -2.44 -22.80
CA THR A 34 0.33 -2.73 -23.11
CA THR A 34 0.33 -2.82 -23.00
C THR A 34 -0.67 -1.86 -22.32
N ALA A 35 -0.22 -1.16 -21.30
CA ALA A 35 -1.08 -0.22 -20.59
C ALA A 35 -1.47 0.85 -21.59
N LYS A 36 -2.74 1.17 -21.63
CA LYS A 36 -3.16 2.18 -22.61
C LYS A 36 -3.29 3.53 -21.96
N TYR A 37 -2.73 4.53 -22.64
CA TYR A 37 -2.93 5.90 -22.27
C TYR A 37 -4.42 6.21 -22.43
N ASP A 38 -5.01 6.78 -21.39
CA ASP A 38 -6.43 7.11 -21.40
C ASP A 38 -6.54 8.62 -21.20
N PRO A 39 -6.81 9.36 -22.29
CA PRO A 39 -6.86 10.82 -22.15
C PRO A 39 -8.05 11.31 -21.32
N SER A 40 -9.05 10.43 -21.10
CA SER A 40 -10.19 10.73 -20.20
C SER A 40 -9.85 10.71 -18.71
N LEU A 41 -8.71 10.12 -18.32
CA LEU A 41 -8.32 10.08 -16.91
C LEU A 41 -7.93 11.50 -16.47
N LYS A 42 -8.35 11.86 -15.26
CA LYS A 42 -8.07 13.17 -14.68
C LYS A 42 -6.79 13.14 -13.88
N PRO A 43 -6.20 14.35 -13.66
CA PRO A 43 -5.12 14.40 -12.68
C PRO A 43 -5.60 13.93 -11.33
N LEU A 44 -4.71 13.30 -10.60
CA LEU A 44 -5.07 12.83 -9.29
C LEU A 44 -5.12 14.07 -8.36
N SER A 45 -6.09 14.13 -7.44
CA SER A 45 -6.17 15.19 -6.44
C SER A 45 -5.88 14.59 -5.09
N VAL A 46 -4.71 14.89 -4.54
CA VAL A 46 -4.29 14.41 -3.21
C VAL A 46 -4.33 15.62 -2.30
N SER A 47 -5.24 15.64 -1.34
CA SER A 47 -5.40 16.79 -0.45
CA SER A 47 -5.45 16.78 -0.44
C SER A 47 -5.18 16.33 0.97
N TYR A 48 -3.91 16.42 1.37
CA TYR A 48 -3.44 15.96 2.66
C TYR A 48 -3.07 17.09 3.61
N ASP A 49 -3.35 18.34 3.26
CA ASP A 49 -3.04 19.50 4.11
CA ASP A 49 -2.99 19.48 4.12
C ASP A 49 -3.53 19.38 5.55
N GLN A 50 -4.71 18.78 5.75
CA GLN A 50 -5.27 18.69 7.11
C GLN A 50 -5.19 17.27 7.69
N ALA A 51 -4.35 16.43 7.13
CA ALA A 51 -4.25 15.07 7.65
C ALA A 51 -3.84 15.08 9.14
N THR A 52 -4.48 14.21 9.91
CA THR A 52 -4.24 14.06 11.35
C THR A 52 -3.87 12.62 11.63
N SER A 53 -2.58 12.37 11.74
CA SER A 53 -2.13 11.05 12.12
C SER A 53 -2.35 10.89 13.61
N LEU A 54 -2.63 9.66 14.00
CA LEU A 54 -2.86 9.39 15.42
C LEU A 54 -1.85 8.45 16.03
N ARG A 55 -1.52 7.37 15.34
CA ARG A 55 -0.85 6.26 15.98
C ARG A 55 -0.14 5.41 14.95
N ILE A 56 0.85 4.62 15.38
CA ILE A 56 1.52 3.68 14.52
C ILE A 56 1.44 2.34 15.23
N LEU A 57 1.16 1.29 14.48
CA LEU A 57 0.85 -0.01 14.98
C LEU A 57 1.60 -1.13 14.25
N ASN A 58 2.27 -2.04 14.95
CA ASN A 58 2.80 -3.29 14.37
C ASN A 58 1.68 -4.31 14.50
N ASN A 59 1.08 -4.67 13.38
CA ASN A 59 -0.04 -5.60 13.39
C ASN A 59 0.37 -7.05 13.11
N GLY A 60 1.68 -7.33 13.10
CA GLY A 60 2.18 -8.65 12.83
C GLY A 60 2.40 -8.99 11.36
N HIS A 61 1.96 -8.13 10.46
CA HIS A 61 2.15 -8.28 8.99
CA HIS A 61 2.25 -8.30 9.00
C HIS A 61 2.89 -7.08 8.39
N ALA A 62 2.71 -5.90 8.95
CA ALA A 62 3.37 -4.69 8.56
C ALA A 62 3.22 -3.72 9.74
N PHE A 63 3.58 -2.46 9.53
CA PHE A 63 3.18 -1.40 10.46
C PHE A 63 2.25 -0.45 9.76
N ASN A 64 1.21 -0.02 10.46
CA ASN A 64 0.25 0.93 9.92
C ASN A 64 0.37 2.30 10.62
N VAL A 65 0.52 3.38 9.87
CA VAL A 65 0.33 4.72 10.40
C VAL A 65 -1.15 5.06 10.18
N GLU A 66 -1.86 5.30 11.27
CA GLU A 66 -3.32 5.47 11.27
C GLU A 66 -3.67 6.93 11.35
N PHE A 67 -4.78 7.27 10.72
CA PHE A 67 -5.26 8.64 10.66
C PHE A 67 -6.63 8.75 11.27
N ASP A 68 -6.93 9.94 11.75
CA ASP A 68 -8.31 10.27 12.13
C ASP A 68 -9.10 10.44 10.84
N ASP A 69 -10.00 9.51 10.58
CA ASP A 69 -10.85 9.55 9.39
C ASP A 69 -12.29 9.87 9.74
N SER A 70 -12.51 10.58 10.85
CA SER A 70 -13.86 10.91 11.31
C SER A 70 -14.38 12.22 10.64
N GLN A 71 -13.55 12.91 9.85
CA GLN A 71 -13.99 14.04 9.01
C GLN A 71 -13.24 14.04 7.70
N ASP A 72 -13.78 14.76 6.70
N ASP A 72 -13.57 14.91 6.72
CA ASP A 72 -13.12 15.01 5.42
CA ASP A 72 -12.87 14.92 5.39
C ASP A 72 -11.95 15.93 5.71
C ASP A 72 -11.51 15.64 5.38
N LYS A 73 -10.81 15.31 5.83
N LYS A 73 -10.62 15.21 6.28
CA LYS A 73 -9.59 16.04 5.79
CA LYS A 73 -9.34 15.90 6.52
C LYS A 73 -8.71 15.50 4.69
C LYS A 73 -8.20 15.53 5.57
N ALA A 74 -7.92 14.48 5.03
N ALA A 74 -8.33 14.41 4.91
CA ALA A 74 -7.01 13.86 4.07
CA ALA A 74 -7.22 13.92 4.09
C ALA A 74 -7.79 13.05 3.04
C ALA A 74 -7.81 13.05 3.02
N VAL A 75 -8.00 13.61 1.85
CA VAL A 75 -8.82 12.93 0.83
C VAL A 75 -8.15 12.83 -0.54
N LEU A 76 -8.51 11.74 -1.20
CA LEU A 76 -8.10 11.43 -2.54
C LEU A 76 -9.34 11.53 -3.42
N LYS A 77 -9.22 12.28 -4.53
N LYS A 77 -9.20 12.18 -4.57
CA LYS A 77 -10.30 12.53 -5.49
CA LYS A 77 -10.29 12.23 -5.54
C LYS A 77 -9.69 12.51 -6.89
N GLY A 78 -10.53 12.61 -7.90
CA GLY A 78 -10.06 12.79 -9.27
C GLY A 78 -9.41 11.52 -9.72
N GLY A 79 -8.47 11.66 -10.63
CA GLY A 79 -7.85 10.48 -11.21
C GLY A 79 -8.94 9.67 -11.90
N PRO A 80 -8.97 8.33 -11.65
CA PRO A 80 -10.03 7.48 -12.14
C PRO A 80 -11.29 7.46 -11.26
N LEU A 81 -11.29 8.18 -10.15
CA LEU A 81 -12.29 8.01 -9.11
C LEU A 81 -13.52 8.86 -9.35
N ASP A 82 -14.65 8.36 -8.89
CA ASP A 82 -15.87 9.14 -8.75
CA ASP A 82 -15.90 9.11 -8.76
C ASP A 82 -16.02 9.39 -7.25
N GLY A 83 -16.28 10.62 -6.86
CA GLY A 83 -16.48 10.90 -5.47
C GLY A 83 -15.18 11.07 -4.68
N THR A 84 -15.29 10.88 -3.37
CA THR A 84 -14.28 11.30 -2.37
CA THR A 84 -14.19 11.23 -2.51
C THR A 84 -13.88 10.13 -1.52
N TYR A 85 -12.57 9.95 -1.35
CA TYR A 85 -12.07 8.82 -0.58
C TYR A 85 -11.18 9.36 0.55
N ARG A 86 -11.49 8.90 1.78
N ARG A 86 -11.41 8.89 1.75
CA ARG A 86 -10.82 9.35 3.04
CA ARG A 86 -10.74 9.45 2.90
C ARG A 86 -9.62 8.50 3.41
C ARG A 86 -9.62 8.53 3.34
N LEU A 87 -8.48 9.12 3.66
CA LEU A 87 -7.30 8.40 4.14
C LEU A 87 -7.56 7.82 5.51
N ILE A 88 -7.35 6.51 5.64
CA ILE A 88 -7.44 5.81 6.93
C ILE A 88 -6.10 5.37 7.48
N GLN A 89 -5.20 4.88 6.62
CA GLN A 89 -3.89 4.40 7.10
C GLN A 89 -2.96 4.27 5.92
N PHE A 90 -1.66 4.30 6.22
CA PHE A 90 -0.68 3.81 5.25
C PHE A 90 0.22 2.77 5.87
N HIS A 91 0.79 1.94 5.01
CA HIS A 91 1.75 0.94 5.42
C HIS A 91 2.63 0.62 4.23
N PHE A 92 3.65 -0.22 4.45
CA PHE A 92 4.57 -0.63 3.40
C PHE A 92 4.63 -2.15 3.32
N HIS A 93 5.14 -2.61 2.19
CA HIS A 93 5.61 -3.97 1.98
C HIS A 93 7.05 -3.90 1.55
N TRP A 94 7.91 -4.80 2.02
CA TRP A 94 9.32 -4.73 1.72
C TRP A 94 9.99 -6.06 1.75
N GLY A 95 11.24 -6.07 1.28
CA GLY A 95 11.98 -7.30 1.10
C GLY A 95 13.03 -7.57 2.17
N SER A 96 13.63 -8.75 2.06
CA SER A 96 14.84 -9.08 2.83
C SER A 96 16.11 -8.48 2.22
N LEU A 97 16.06 -8.13 0.93
CA LEU A 97 17.16 -7.57 0.15
C LEU A 97 16.59 -6.50 -0.74
N ASP A 98 17.43 -5.63 -1.26
CA ASP A 98 16.92 -4.49 -2.02
C ASP A 98 16.29 -4.92 -3.33
N GLY A 99 16.63 -6.11 -3.83
CA GLY A 99 16.10 -6.56 -5.10
C GLY A 99 14.70 -7.15 -5.12
N GLN A 100 14.01 -7.09 -3.97
CA GLN A 100 12.60 -7.53 -3.94
C GLN A 100 11.92 -6.78 -2.80
N GLY A 101 10.60 -6.81 -2.82
CA GLY A 101 9.83 -6.16 -1.75
C GLY A 101 8.55 -5.55 -2.23
N SER A 102 8.52 -5.03 -3.47
CA SER A 102 7.28 -4.47 -3.96
C SER A 102 6.29 -5.57 -4.27
N GLU A 103 5.01 -5.18 -4.29
CA GLU A 103 3.89 -6.08 -4.64
C GLU A 103 3.61 -5.95 -6.13
N HIS A 104 3.25 -4.74 -6.58
CA HIS A 104 3.25 -4.48 -8.00
C HIS A 104 4.66 -4.55 -8.54
N THR A 105 4.75 -4.94 -9.82
CA THR A 105 6.01 -4.93 -10.56
C THR A 105 5.78 -4.12 -11.83
N VAL A 106 6.86 -3.66 -12.44
CA VAL A 106 6.79 -2.84 -13.66
C VAL A 106 7.65 -3.52 -14.71
N ASP A 107 7.02 -4.12 -15.72
CA ASP A 107 7.79 -4.90 -16.69
C ASP A 107 8.67 -5.94 -15.96
N LYS A 108 8.07 -6.55 -14.94
CA LYS A 108 8.68 -7.59 -14.08
C LYS A 108 9.74 -7.05 -13.10
N LYS A 109 10.03 -5.76 -13.11
CA LYS A 109 10.94 -5.18 -12.14
C LYS A 109 10.28 -5.13 -10.77
N LYS A 110 11.02 -5.62 -9.77
CA LYS A 110 10.65 -5.50 -8.38
C LYS A 110 11.41 -4.37 -7.76
N TYR A 111 10.68 -3.49 -7.05
CA TYR A 111 11.29 -2.45 -6.26
C TYR A 111 11.61 -2.97 -4.84
N ALA A 112 12.40 -2.20 -4.09
CA ALA A 112 12.77 -2.58 -2.72
C ALA A 112 11.59 -2.58 -1.78
N ALA A 113 10.60 -1.77 -2.02
CA ALA A 113 9.44 -1.68 -1.15
C ALA A 113 8.33 -0.99 -1.89
N GLU A 114 7.14 -0.99 -1.27
CA GLU A 114 5.97 -0.32 -1.84
C GLU A 114 5.12 0.24 -0.70
N LEU A 115 4.78 1.51 -0.81
CA LEU A 115 3.93 2.22 0.13
C LEU A 115 2.49 2.17 -0.38
N HIS A 116 1.56 1.87 0.52
CA HIS A 116 0.13 1.86 0.25
C HIS A 116 -0.55 2.85 1.15
N LEU A 117 -1.11 3.92 0.53
CA LEU A 117 -1.95 4.90 1.21
C LEU A 117 -3.41 4.48 0.94
N VAL A 118 -4.10 4.09 2.01
CA VAL A 118 -5.40 3.43 1.89
C VAL A 118 -6.51 4.41 2.18
N HIS A 119 -7.48 4.52 1.27
CA HIS A 119 -8.57 5.45 1.39
C HIS A 119 -9.90 4.74 1.15
N TRP A 120 -10.95 5.13 1.88
CA TRP A 120 -12.28 4.55 1.67
C TRP A 120 -13.27 5.58 1.15
N ASN A 121 -14.20 5.07 0.33
CA ASN A 121 -15.19 5.89 -0.34
C ASN A 121 -16.25 6.38 0.65
N THR A 122 -16.35 7.70 0.76
CA THR A 122 -17.22 8.29 1.76
C THR A 122 -18.67 7.95 1.59
N LYS A 123 -19.05 7.50 0.29
CA LYS A 123 -20.45 7.18 0.05
C LYS A 123 -20.88 5.95 0.85
N TYR A 124 -19.95 5.17 1.42
CA TYR A 124 -20.30 3.98 2.21
C TYR A 124 -20.16 4.19 3.72
N GLY A 125 -19.77 5.38 4.14
CA GLY A 125 -19.92 5.73 5.55
C GLY A 125 -18.79 5.31 6.47
N ASP A 126 -18.24 4.10 6.30
CA ASP A 126 -16.99 3.78 6.96
CA ASP A 126 -17.17 3.52 7.15
C ASP A 126 -16.30 2.60 6.29
N PHE A 127 -15.09 2.32 6.76
CA PHE A 127 -14.19 1.42 6.08
C PHE A 127 -14.78 0.02 5.97
N GLY A 128 -15.36 -0.47 7.07
CA GLY A 128 -15.88 -1.83 7.07
C GLY A 128 -17.01 -2.07 6.07
N LYS A 129 -17.84 -1.07 5.83
CA LYS A 129 -18.86 -1.16 4.79
CA LYS A 129 -18.85 -1.17 4.79
C LYS A 129 -18.22 -0.99 3.41
N ALA A 130 -17.22 -0.09 3.31
CA ALA A 130 -16.61 0.15 2.02
C ALA A 130 -15.95 -1.09 1.43
N VAL A 131 -15.30 -1.91 2.26
CA VAL A 131 -14.60 -3.07 1.71
C VAL A 131 -15.54 -4.13 1.15
N GLN A 132 -16.84 -3.97 1.40
CA GLN A 132 -17.85 -4.87 0.81
C GLN A 132 -18.36 -4.41 -0.56
N GLN A 133 -17.74 -3.38 -1.13
CA GLN A 133 -18.22 -2.76 -2.36
C GLN A 133 -17.12 -2.77 -3.40
N PRO A 134 -17.47 -2.90 -4.69
CA PRO A 134 -16.43 -2.99 -5.73
C PRO A 134 -15.67 -1.68 -5.94
N ASP A 135 -16.26 -0.54 -5.53
CA ASP A 135 -15.62 0.75 -5.58
C ASP A 135 -15.45 1.30 -4.19
N GLY A 136 -15.18 0.43 -3.22
CA GLY A 136 -15.11 0.90 -1.85
C GLY A 136 -13.82 1.58 -1.42
N LEU A 137 -12.69 1.14 -1.99
CA LEU A 137 -11.38 1.66 -1.59
C LEU A 137 -10.65 2.20 -2.77
N ALA A 138 -9.75 3.15 -2.50
CA ALA A 138 -8.73 3.60 -3.46
C ALA A 138 -7.42 3.53 -2.72
N VAL A 139 -6.49 2.74 -3.27
CA VAL A 139 -5.15 2.58 -2.66
C VAL A 139 -4.19 3.22 -3.63
N LEU A 140 -3.44 4.18 -3.09
CA LEU A 140 -2.37 4.86 -3.82
C LEU A 140 -1.07 4.12 -3.48
N GLY A 141 -0.48 3.52 -4.51
CA GLY A 141 0.75 2.76 -4.36
C GLY A 141 1.92 3.53 -4.90
N ILE A 142 3.01 3.51 -4.13
CA ILE A 142 4.23 4.27 -4.45
C ILE A 142 5.40 3.35 -4.25
N PHE A 143 6.23 3.20 -5.28
CA PHE A 143 7.42 2.35 -5.20
C PHE A 143 8.52 3.07 -4.45
N LEU A 144 9.35 2.28 -3.74
CA LEU A 144 10.56 2.73 -3.09
C LEU A 144 11.76 2.05 -3.72
N LYS A 145 12.75 2.88 -4.09
CA LYS A 145 14.07 2.39 -4.48
C LYS A 145 15.09 2.88 -3.47
N VAL A 146 16.20 2.19 -3.39
CA VAL A 146 17.27 2.53 -2.45
C VAL A 146 18.27 3.45 -3.11
N GLY A 147 18.47 4.61 -2.50
CA GLY A 147 19.46 5.59 -2.97
C GLY A 147 19.59 6.67 -1.93
N SER A 148 19.25 7.90 -2.27
CA SER A 148 19.23 8.98 -1.30
CA SER A 148 19.21 9.00 -1.32
C SER A 148 18.12 8.77 -0.29
N ALA A 149 18.32 9.27 0.92
CA ALA A 149 17.32 9.23 1.95
C ALA A 149 16.10 10.06 1.57
N LYS A 150 14.95 9.63 2.10
CA LYS A 150 13.70 10.40 2.02
C LYS A 150 13.52 11.10 3.36
N PRO A 151 13.78 12.43 3.42
CA PRO A 151 13.74 13.07 4.72
C PRO A 151 12.39 12.92 5.44
N GLY A 152 11.30 12.95 4.69
CA GLY A 152 9.96 12.85 5.25
C GLY A 152 9.60 11.48 5.81
N LEU A 153 10.42 10.48 5.51
CA LEU A 153 10.23 9.14 6.06
C LEU A 153 10.91 8.97 7.42
N GLN A 154 11.86 9.84 7.76
CA GLN A 154 12.72 9.53 8.91
C GLN A 154 11.92 9.45 10.21
N LYS A 155 10.89 10.29 10.38
CA LYS A 155 10.08 10.25 11.62
C LYS A 155 9.44 8.85 11.83
N VAL A 156 9.05 8.24 10.73
CA VAL A 156 8.48 6.89 10.78
C VAL A 156 9.59 5.89 11.18
N VAL A 157 10.73 5.96 10.49
CA VAL A 157 11.86 5.08 10.79
C VAL A 157 12.24 5.11 12.25
N ASP A 158 12.31 6.32 12.81
CA ASP A 158 12.81 6.46 14.15
C ASP A 158 11.89 5.98 15.26
N VAL A 159 10.60 5.74 14.98
CA VAL A 159 9.67 5.24 15.96
C VAL A 159 9.58 3.70 15.94
N LEU A 160 10.18 3.07 14.92
CA LEU A 160 10.02 1.64 14.74
C LEU A 160 10.61 0.82 15.88
N ASP A 161 11.66 1.31 16.50
CA ASP A 161 12.24 0.66 17.69
CA ASP A 161 12.18 0.52 17.61
C ASP A 161 11.23 0.47 18.81
N SER A 162 10.21 1.35 18.87
CA SER A 162 9.20 1.30 19.93
C SER A 162 8.03 0.36 19.61
N ILE A 163 7.98 -0.17 18.38
CA ILE A 163 6.92 -1.07 17.98
C ILE A 163 7.51 -2.31 17.31
N LYS A 164 8.54 -2.87 17.95
CA LYS A 164 9.30 -3.93 17.28
C LYS A 164 8.45 -5.16 16.97
N THR A 165 7.56 -5.47 17.92
CA THR A 165 6.86 -6.72 17.88
C THR A 165 5.31 -6.51 17.75
N LYS A 166 4.72 -7.58 17.24
CA LYS A 166 3.30 -7.64 16.93
CA LYS A 166 3.31 -7.66 16.94
C LYS A 166 2.47 -7.19 18.12
N GLY A 167 1.55 -6.27 17.86
CA GLY A 167 0.66 -5.76 18.90
C GLY A 167 1.10 -4.50 19.58
N LYS A 168 2.36 -4.09 19.40
CA LYS A 168 2.82 -2.84 19.92
C LYS A 168 2.33 -1.67 19.07
N SER A 169 1.89 -0.60 19.74
CA SER A 169 1.57 0.66 19.10
C SER A 169 2.22 1.82 19.84
N ALA A 170 2.26 2.97 19.17
N ALA A 170 2.32 2.97 19.18
CA ALA A 170 2.82 4.19 19.74
CA ALA A 170 2.81 4.18 19.83
C ALA A 170 2.14 5.44 19.20
C ALA A 170 1.97 5.31 19.32
N ASP A 171 1.93 6.41 20.08
CA ASP A 171 1.35 7.68 19.61
C ASP A 171 2.20 8.16 18.46
N PHE A 172 1.53 8.67 17.43
CA PHE A 172 2.23 9.12 16.25
C PHE A 172 1.43 10.22 15.63
N THR A 173 1.48 11.37 16.25
CA THR A 173 0.75 12.55 15.83
C THR A 173 1.56 13.48 14.97
N ASN A 174 0.87 14.29 14.17
CA ASN A 174 1.47 15.37 13.39
C ASN A 174 2.41 14.91 12.27
N PHE A 175 2.24 13.67 11.83
CA PHE A 175 3.03 13.21 10.73
C PHE A 175 2.37 13.62 9.41
N ASP A 176 3.13 14.21 8.51
CA ASP A 176 2.60 14.76 7.27
C ASP A 176 2.90 13.79 6.11
N PRO A 177 1.89 13.05 5.62
CA PRO A 177 2.19 12.08 4.54
C PRO A 177 2.57 12.71 3.22
N ARG A 178 2.44 14.02 3.09
CA ARG A 178 2.91 14.70 1.85
C ARG A 178 4.40 14.49 1.66
N GLY A 179 5.15 14.29 2.74
CA GLY A 179 6.56 14.06 2.66
C GLY A 179 6.96 12.72 2.07
N LEU A 180 5.99 11.84 1.76
CA LEU A 180 6.26 10.54 1.17
C LEU A 180 5.94 10.48 -0.30
N LEU A 181 5.50 11.59 -0.89
CA LEU A 181 5.09 11.58 -2.29
C LEU A 181 6.23 11.96 -3.23
N PRO A 182 6.26 11.39 -4.42
CA PRO A 182 7.23 11.80 -5.43
C PRO A 182 6.77 13.10 -6.06
N GLU A 183 7.58 13.65 -6.95
CA GLU A 183 7.26 14.91 -7.63
CA GLU A 183 7.27 14.90 -7.56
C GLU A 183 6.04 14.75 -8.52
N SER A 184 6.07 13.72 -9.37
CA SER A 184 5.01 13.51 -10.34
C SER A 184 3.89 12.65 -9.80
N LEU A 185 2.67 12.99 -10.18
CA LEU A 185 1.48 12.17 -9.90
C LEU A 185 1.00 11.37 -11.10
N ASP A 186 1.86 11.20 -12.11
CA ASP A 186 1.52 10.28 -13.22
C ASP A 186 1.29 8.87 -12.65
N TYR A 187 0.29 8.16 -13.18
CA TYR A 187 -0.11 6.88 -12.58
C TYR A 187 -0.63 5.88 -13.60
N TRP A 188 -0.63 4.63 -13.17
CA TRP A 188 -1.40 3.55 -13.76
C TRP A 188 -2.58 3.23 -12.86
N THR A 189 -3.67 2.74 -13.44
CA THR A 189 -4.82 2.37 -12.63
C THR A 189 -5.51 1.12 -13.19
N TYR A 190 -6.04 0.31 -12.27
CA TYR A 190 -6.77 -0.89 -12.63
C TYR A 190 -7.62 -1.31 -11.45
N PRO A 191 -8.68 -2.13 -11.70
CA PRO A 191 -9.51 -2.63 -10.60
C PRO A 191 -8.89 -3.88 -9.97
N GLY A 192 -8.81 -3.91 -8.65
CA GLY A 192 -8.19 -5.05 -7.98
C GLY A 192 -8.72 -5.26 -6.59
N SER A 193 -7.82 -5.73 -5.73
CA SER A 193 -8.19 -6.27 -4.44
C SER A 193 -7.26 -5.81 -3.35
N LEU A 194 -7.66 -6.09 -2.10
CA LEU A 194 -6.70 -6.07 -1.00
C LEU A 194 -5.61 -7.08 -1.31
N THR A 195 -4.39 -6.80 -0.90
CA THR A 195 -3.28 -7.74 -1.15
C THR A 195 -2.98 -8.62 0.06
N THR A 196 -3.73 -8.45 1.15
CA THR A 196 -3.69 -9.38 2.29
C THR A 196 -5.09 -9.88 2.54
N PRO A 197 -5.19 -11.07 3.17
CA PRO A 197 -6.50 -11.54 3.61
C PRO A 197 -7.27 -10.44 4.37
N PRO A 198 -8.54 -10.21 4.06
CA PRO A 198 -9.44 -11.12 3.35
C PRO A 198 -9.44 -10.99 1.82
N LEU A 199 -8.52 -10.23 1.21
CA LEU A 199 -8.33 -10.26 -0.25
C LEU A 199 -9.55 -9.78 -1.04
N LEU A 200 -10.33 -8.90 -0.39
CA LEU A 200 -11.61 -8.46 -0.96
C LEU A 200 -11.40 -7.65 -2.21
N GLU A 201 -12.29 -7.83 -3.18
CA GLU A 201 -12.17 -7.24 -4.51
C GLU A 201 -12.89 -5.88 -4.53
N CYS A 202 -12.29 -4.95 -3.80
CA CYS A 202 -12.95 -3.67 -3.46
C CYS A 202 -12.10 -2.45 -3.78
N VAL A 203 -10.97 -2.65 -4.51
CA VAL A 203 -9.97 -1.58 -4.62
C VAL A 203 -9.86 -1.07 -6.04
N THR A 204 -9.91 0.28 -6.20
CA THR A 204 -9.35 0.93 -7.39
C THR A 204 -7.90 1.24 -7.05
N TRP A 205 -6.98 0.56 -7.77
CA TRP A 205 -5.57 0.75 -7.56
C TRP A 205 -5.10 1.93 -8.40
N ILE A 206 -4.26 2.78 -7.80
CA ILE A 206 -3.62 3.91 -8.45
C ILE A 206 -2.16 3.79 -8.08
N VAL A 207 -1.33 3.42 -9.04
CA VAL A 207 0.08 3.15 -8.81
C VAL A 207 0.88 4.24 -9.51
N LEU A 208 1.65 5.00 -8.72
CA LEU A 208 2.44 6.07 -9.29
C LEU A 208 3.65 5.54 -10.09
N LYS A 209 3.90 6.19 -11.22
CA LYS A 209 5.05 5.82 -12.03
C LYS A 209 6.39 6.14 -11.41
N GLU A 210 6.48 7.27 -10.73
CA GLU A 210 7.75 7.75 -10.18
C GLU A 210 7.97 7.18 -8.81
N PRO A 211 9.05 6.41 -8.61
CA PRO A 211 9.36 5.92 -7.27
CA PRO A 211 9.36 5.92 -7.26
C PRO A 211 9.91 7.03 -6.38
N ILE A 212 9.81 6.84 -5.08
CA ILE A 212 10.58 7.66 -4.14
C ILE A 212 11.89 6.93 -3.84
N SER A 213 12.92 7.70 -3.51
CA SER A 213 14.19 7.15 -3.03
CA SER A 213 14.17 7.14 -3.06
C SER A 213 14.22 7.19 -1.53
N VAL A 214 14.64 6.08 -0.93
CA VAL A 214 14.92 5.98 0.51
C VAL A 214 16.34 5.48 0.67
N SER A 215 16.94 5.70 1.84
CA SER A 215 18.31 5.22 1.98
C SER A 215 18.36 3.76 2.40
N SER A 216 19.52 3.17 2.18
CA SER A 216 19.73 1.82 2.65
CA SER A 216 19.74 1.81 2.66
C SER A 216 19.50 1.75 4.17
N GLU A 217 19.93 2.77 4.90
CA GLU A 217 19.75 2.78 6.36
C GLU A 217 18.27 2.82 6.75
N GLN A 218 17.48 3.56 5.99
CA GLN A 218 16.05 3.61 6.27
C GLN A 218 15.37 2.25 6.07
N VAL A 219 15.65 1.60 4.94
CA VAL A 219 15.00 0.30 4.72
C VAL A 219 15.55 -0.78 5.67
N LEU A 220 16.84 -0.69 6.03
CA LEU A 220 17.39 -1.60 7.01
C LEU A 220 16.64 -1.57 8.33
N LYS A 221 16.15 -0.39 8.72
CA LYS A 221 15.35 -0.28 9.93
C LYS A 221 13.98 -0.95 9.78
N PHE A 222 13.36 -0.89 8.60
CA PHE A 222 12.17 -1.68 8.39
C PHE A 222 12.41 -3.17 8.68
N ARG A 223 13.58 -3.65 8.22
CA ARG A 223 13.92 -5.06 8.32
C ARG A 223 14.31 -5.54 9.72
N LYS A 224 14.38 -4.63 10.68
CA LYS A 224 14.60 -4.98 12.11
C LYS A 224 13.32 -5.25 12.85
N LEU A 225 12.17 -4.88 12.28
CA LEU A 225 10.88 -5.22 12.85
C LEU A 225 10.71 -6.73 12.92
N ASN A 226 9.75 -7.15 13.75
CA ASN A 226 9.46 -8.55 13.97
C ASN A 226 7.99 -8.87 13.61
N PHE A 227 7.79 -10.02 12.99
CA PHE A 227 6.44 -10.54 12.78
C PHE A 227 5.85 -11.06 14.11
N ASN A 228 6.70 -11.65 14.95
CA ASN A 228 6.32 -12.23 16.23
C ASN A 228 5.97 -11.18 17.28
N GLY A 229 5.26 -11.66 18.30
CA GLY A 229 5.01 -10.88 19.51
C GLY A 229 6.21 -10.92 20.46
N GLU A 230 6.23 -9.95 21.39
CA GLU A 230 7.21 -9.91 22.47
C GLU A 230 7.36 -11.23 23.20
N GLY A 231 8.62 -11.62 23.41
CA GLY A 231 8.97 -12.85 24.09
C GLY A 231 8.67 -14.12 23.30
N GLU A 232 8.54 -13.98 21.98
CA GLU A 232 8.39 -15.13 21.10
C GLU A 232 9.64 -15.21 20.25
N PRO A 233 9.89 -16.38 19.63
CA PRO A 233 11.09 -16.60 18.79
C PRO A 233 11.14 -15.56 17.67
N GLU A 234 12.28 -14.92 17.50
CA GLU A 234 12.37 -13.78 16.59
C GLU A 234 12.31 -14.22 15.14
N GLU A 235 11.36 -13.63 14.42
CA GLU A 235 11.18 -13.79 12.98
C GLU A 235 11.15 -12.39 12.40
N LEU A 236 12.21 -12.04 11.68
CA LEU A 236 12.29 -10.70 11.16
C LEU A 236 11.12 -10.46 10.19
N MET A 237 10.56 -9.26 10.28
CA MET A 237 9.48 -8.79 9.37
C MET A 237 10.15 -8.34 8.07
N VAL A 238 10.28 -9.31 7.14
CA VAL A 238 10.83 -9.09 5.80
C VAL A 238 10.04 -9.96 4.84
N ASP A 239 10.03 -9.53 3.57
CA ASP A 239 9.32 -10.29 2.54
C ASP A 239 7.83 -10.44 2.83
N ASN A 240 7.26 -9.32 3.27
CA ASN A 240 5.83 -9.24 3.54
C ASN A 240 5.03 -8.73 2.34
N TRP A 241 5.35 -9.28 1.17
CA TRP A 241 4.72 -8.90 -0.10
C TRP A 241 4.08 -10.14 -0.72
N ARG A 242 2.94 -9.92 -1.36
CA ARG A 242 2.26 -10.93 -2.19
C ARG A 242 2.81 -10.80 -3.61
N PRO A 243 3.13 -11.90 -4.28
CA PRO A 243 3.59 -11.80 -5.66
C PRO A 243 2.45 -11.39 -6.62
N ALA A 244 2.85 -10.99 -7.85
CA ALA A 244 1.88 -10.61 -8.88
C ALA A 244 0.94 -11.77 -9.17
N GLN A 245 -0.34 -11.43 -9.35
CA GLN A 245 -1.42 -12.35 -9.63
C GLN A 245 -1.88 -12.20 -11.06
N PRO A 246 -2.64 -13.19 -11.58
CA PRO A 246 -3.06 -13.12 -12.98
C PRO A 246 -3.94 -11.90 -13.28
N LEU A 247 -3.64 -11.24 -14.38
CA LEU A 247 -4.41 -10.07 -14.78
C LEU A 247 -5.83 -10.39 -15.20
N LYS A 248 -6.00 -11.60 -15.77
N LYS A 248 -6.06 -11.54 -15.84
CA LYS A 248 -7.29 -12.09 -16.23
CA LYS A 248 -7.43 -11.92 -16.23
C LYS A 248 -7.89 -11.03 -17.15
C LYS A 248 -8.20 -10.89 -17.09
N ASN A 249 -9.19 -10.78 -17.04
N ASN A 249 -7.54 -10.39 -18.13
CA ASN A 249 -9.86 -9.88 -17.93
CA ASN A 249 -8.16 -9.49 -19.10
C ASN A 249 -9.81 -8.45 -17.44
C ASN A 249 -8.71 -8.14 -18.60
N ARG A 250 -8.58 -7.84 -17.31
CA ARG A 250 -8.49 -6.46 -16.90
C ARG A 250 -7.56 -5.65 -17.77
N GLN A 251 -7.85 -4.36 -17.82
CA GLN A 251 -7.06 -3.40 -18.54
CA GLN A 251 -7.05 -3.38 -18.52
C GLN A 251 -6.40 -2.46 -17.53
N ILE A 252 -5.09 -2.27 -17.68
CA ILE A 252 -4.37 -1.26 -16.92
C ILE A 252 -4.32 0.01 -17.79
N LYS A 253 -4.70 1.14 -17.22
CA LYS A 253 -4.74 2.42 -17.93
C LYS A 253 -3.66 3.32 -17.38
N ALA A 254 -3.06 4.09 -18.27
CA ALA A 254 -2.05 5.07 -17.92
C ALA A 254 -2.64 6.47 -18.01
N SER A 255 -2.26 7.34 -17.07
CA SER A 255 -2.68 8.74 -17.07
C SER A 255 -1.80 9.63 -17.96
N PHE A 256 -0.73 9.04 -18.51
CA PHE A 256 0.35 9.81 -19.17
C PHE A 256 0.74 9.12 -20.46
N LYS A 257 1.28 9.91 -21.38
CA LYS A 257 1.69 9.45 -22.73
C LYS A 257 3.15 8.99 -22.74
#